data_3ARQ
#
_entry.id   3ARQ
#
_cell.length_a   65.010
_cell.length_b   50.890
_cell.length_c   93.400
_cell.angle_alpha   90.000
_cell.angle_beta   99.510
_cell.angle_gamma   90.000
#
_symmetry.space_group_name_H-M   'P 1 21 1'
#
loop_
_entity.id
_entity.type
_entity.pdbx_description
1 polymer 'Chitinase A'
2 non-polymer IDARUBICIN
3 non-polymer GLYCEROL
4 water water
#
_entity_poly.entity_id   1
_entity_poly.type   'polypeptide(L)'
_entity_poly.pdbx_seq_one_letter_code
;APTAPSIDMYGSNNLQFSKIELAMETTSGYNDMVKYHELAKIKVKFNQWSGTSGDTYNVYFDGVKVATGAITGSQTTASF
EYGQGGLYQMEIEACDATGCSKSAPVEITIADTDGSHLKPLTMNVDPNNKSYNTDPSIVMGTYFVEWGIYGRDYTVDNMP
VDNLTHILYGFIPICGPNESVKSVGGNSFNALQTACRGVNDYEVVIHDPWAAYQKSFPQAGHEYSTPIKGNYAMLMALKQ
RNPDLKIIPSIGGWTLSDPFYDFVDKKNRDTFVASVKKFLKTWKFYDGVDIDWEFPGGGGAAADKGDPVNDGPAYIALMR
ELRVMLDELEAETGRTYELTSAIGVGYDKIEDVDYADAVQYMDYIFAMTYDFYGGWNNVPGHQTALYCGSFMRPGQCDGG
GVDENGEPYKGPAYTADNGIQLLLAQGVPANKLVLGTAMYGRGWEGVTPDTLTDPNDPMTGTATGKLKGSTAQGVWEDGV
IDYKGIKSFMLGANNTGINGFEYGYDAQAEAPWVWNRSTGELITFDDHRSVLAKGNYAKSLGLAGLFSWEIDADNGDILN
AMHEGMAGGVVTPPNRRSHHHHHH
;
_entity_poly.pdbx_strand_id   A
#
loop_
_chem_comp.id
_chem_comp.type
_chem_comp.name
_chem_comp.formula
DM5 non-polymer IDARUBICIN 'C26 H27 N O9'
GOL non-polymer GLYCEROL 'C3 H8 O3'
#
# COMPACT_ATOMS: atom_id res chain seq x y z
N ALA A 1 44.65 17.97 -32.69
CA ALA A 1 43.82 17.78 -31.46
C ALA A 1 44.21 16.41 -30.94
N PRO A 2 43.89 16.16 -29.67
CA PRO A 2 44.12 14.77 -29.13
C PRO A 2 43.37 13.70 -29.88
N THR A 3 43.85 12.46 -29.76
CA THR A 3 43.07 11.32 -30.23
C THR A 3 41.70 11.30 -29.44
N ALA A 4 40.63 10.98 -30.13
CA ALA A 4 39.28 10.94 -29.50
C ALA A 4 39.26 9.78 -28.51
N PRO A 5 38.78 10.04 -27.28
CA PRO A 5 38.56 8.92 -26.36
C PRO A 5 37.72 7.82 -26.99
N SER A 6 38.11 6.54 -26.69
CA SER A 6 37.29 5.40 -27.06
C SER A 6 36.83 4.76 -25.72
N ILE A 7 35.49 4.75 -25.53
CA ILE A 7 34.92 4.34 -24.22
C ILE A 7 34.93 2.80 -24.14
N ASP A 8 35.47 2.28 -23.06
CA ASP A 8 35.49 0.85 -22.76
C ASP A 8 34.22 0.52 -22.01
N MET A 9 33.26 -0.05 -22.76
CA MET A 9 31.94 -0.25 -22.23
C MET A 9 32.03 -1.27 -21.06
N TYR A 10 32.85 -2.27 -21.29
CA TYR A 10 32.88 -3.39 -20.32
C TYR A 10 33.71 -2.94 -19.07
N GLY A 11 34.68 -2.02 -19.29
CA GLY A 11 35.51 -1.46 -18.21
C GLY A 11 34.78 -0.45 -17.37
N SER A 12 33.55 -0.12 -17.78
CA SER A 12 32.74 0.93 -17.15
C SER A 12 31.34 0.39 -16.81
N ASN A 13 31.26 -0.91 -16.48
CA ASN A 13 30.00 -1.54 -16.05
C ASN A 13 28.81 -1.37 -16.98
N ASN A 14 29.15 -1.54 -18.29
CA ASN A 14 28.31 -1.19 -19.47
CA ASN A 14 28.24 -1.27 -19.41
C ASN A 14 27.38 0.00 -19.18
N LEU A 15 27.92 0.93 -18.44
CA LEU A 15 27.25 2.20 -18.31
C LEU A 15 25.95 2.20 -17.60
N GLN A 16 25.79 1.27 -16.64
CA GLN A 16 24.66 1.19 -15.81
C GLN A 16 25.07 1.54 -14.37
N PHE A 17 24.65 2.67 -13.83
CA PHE A 17 25.06 3.12 -12.54
C PHE A 17 23.83 3.24 -11.69
N SER A 18 23.97 3.10 -10.40
CA SER A 18 22.72 3.09 -9.57
C SER A 18 23.05 3.84 -8.30
N LYS A 19 22.14 4.74 -7.87
CA LYS A 19 22.26 5.38 -6.55
C LYS A 19 21.95 4.41 -5.39
N ILE A 20 21.35 3.29 -5.73
CA ILE A 20 20.99 2.31 -4.68
C ILE A 20 21.68 1.04 -4.97
N GLU A 21 22.32 0.48 -3.89
CA GLU A 21 22.94 -0.86 -4.00
C GLU A 21 22.02 -1.87 -3.30
N LEU A 22 21.59 -2.84 -4.05
CA LEU A 22 20.61 -3.81 -3.55
C LEU A 22 21.21 -5.19 -3.68
N ALA A 23 21.33 -5.91 -2.56
CA ALA A 23 21.82 -7.25 -2.66
C ALA A 23 20.93 -8.20 -3.44
N MET A 24 21.49 -8.97 -4.34
CA MET A 24 20.75 -9.92 -5.11
CA MET A 24 20.76 -9.90 -5.10
C MET A 24 21.23 -11.32 -4.80
N GLU A 25 20.39 -12.31 -5.10
CA GLU A 25 20.73 -13.73 -4.85
C GLU A 25 21.12 -14.08 -3.40
N THR A 26 20.55 -13.38 -2.44
CA THR A 26 20.78 -13.65 -1.01
C THR A 26 19.63 -12.98 -0.27
N THR A 27 19.44 -13.38 0.97
CA THR A 27 18.48 -12.74 1.86
C THR A 27 19.18 -12.53 3.20
N SER A 28 19.31 -11.31 3.65
CA SER A 28 20.08 -10.98 4.80
CA SER A 28 19.98 -11.07 4.92
C SER A 28 19.37 -9.86 5.55
N GLY A 29 20.02 -9.26 6.53
CA GLY A 29 19.50 -8.08 7.26
C GLY A 29 19.27 -6.90 6.35
N TYR A 30 18.27 -6.06 6.67
CA TYR A 30 17.96 -4.93 5.78
C TYR A 30 19.15 -3.98 5.53
N ASN A 31 19.92 -3.75 6.61
CA ASN A 31 21.06 -2.81 6.44
C ASN A 31 22.23 -3.42 5.74
N ASP A 32 22.24 -4.72 5.58
CA ASP A 32 23.25 -5.36 4.77
CA ASP A 32 23.21 -5.48 4.81
C ASP A 32 22.79 -5.41 3.34
N MET A 33 21.46 -5.40 3.06
CA MET A 33 21.00 -5.55 1.67
C MET A 33 20.75 -4.24 0.94
N VAL A 34 20.55 -3.15 1.66
CA VAL A 34 20.14 -1.92 1.04
C VAL A 34 21.11 -0.83 1.48
N LYS A 35 21.72 -0.22 0.44
CA LYS A 35 22.58 0.95 0.70
C LYS A 35 22.30 2.09 -0.33
N TYR A 36 21.93 3.23 0.19
CA TYR A 36 21.51 4.40 -0.66
C TYR A 36 22.56 5.46 -0.60
N HIS A 37 22.85 6.03 -1.76
CA HIS A 37 23.83 7.13 -1.88
C HIS A 37 23.18 8.31 -2.49
N GLU A 38 23.36 9.50 -1.87
CA GLU A 38 22.84 10.76 -2.34
C GLU A 38 23.36 11.10 -3.76
N LEU A 39 24.60 10.71 -3.98
CA LEU A 39 25.25 10.85 -5.31
C LEU A 39 25.73 9.49 -5.78
N ALA A 40 25.44 9.21 -7.07
CA ALA A 40 26.00 8.00 -7.65
C ALA A 40 27.50 8.24 -8.00
N LYS A 41 28.33 7.22 -7.82
CA LYS A 41 29.72 7.23 -8.28
C LYS A 41 29.81 6.66 -9.65
N ILE A 42 30.17 7.54 -10.59
CA ILE A 42 30.21 7.22 -12.01
C ILE A 42 31.71 7.07 -12.35
N LYS A 43 32.07 5.88 -12.85
CA LYS A 43 33.45 5.59 -13.28
C LYS A 43 33.34 5.05 -14.67
N VAL A 44 33.99 5.79 -15.58
CA VAL A 44 33.99 5.39 -16.99
C VAL A 44 35.42 5.33 -17.53
N LYS A 45 35.78 4.16 -18.03
CA LYS A 45 37.15 3.92 -18.53
C LYS A 45 37.14 4.22 -20.01
N PHE A 46 38.22 4.92 -20.46
CA PHE A 46 38.37 5.14 -21.85
C PHE A 46 39.86 5.04 -22.27
N ASN A 47 40.10 4.86 -23.55
CA ASN A 47 41.52 4.79 -23.97
C ASN A 47 41.71 5.62 -25.23
N GLN A 48 42.98 5.89 -25.51
CA GLN A 48 43.46 6.76 -26.63
C GLN A 48 44.78 6.07 -26.99
N TRP A 49 44.68 4.98 -27.74
CA TRP A 49 45.91 4.16 -27.95
C TRP A 49 46.90 4.85 -28.94
N SER A 50 46.44 5.28 -30.11
CA SER A 50 47.32 6.06 -31.02
C SER A 50 47.33 7.56 -30.70
N GLY A 51 48.26 8.29 -31.31
CA GLY A 51 48.21 9.75 -31.26
C GLY A 51 48.47 10.32 -29.87
N THR A 52 48.10 11.58 -29.68
CA THR A 52 48.35 12.31 -28.47
CA THR A 52 48.37 12.24 -28.42
C THR A 52 47.12 12.12 -27.55
N SER A 53 47.33 12.07 -26.24
CA SER A 53 46.13 11.88 -25.42
C SER A 53 45.58 13.20 -24.88
N GLY A 54 46.40 14.23 -24.84
CA GLY A 54 45.96 15.50 -24.30
C GLY A 54 46.04 15.60 -22.77
N ASP A 55 45.46 16.63 -22.21
CA ASP A 55 45.73 16.98 -20.84
C ASP A 55 44.53 16.79 -19.95
N THR A 56 43.38 17.06 -20.53
CA THR A 56 42.19 17.15 -19.66
C THR A 56 41.05 16.48 -20.38
N TYR A 57 40.14 15.83 -19.61
CA TYR A 57 38.91 15.31 -20.26
C TYR A 57 37.71 16.11 -19.76
N ASN A 58 36.66 16.08 -20.57
CA ASN A 58 35.36 16.63 -20.12
C ASN A 58 34.31 15.54 -20.46
N VAL A 59 33.34 15.36 -19.52
CA VAL A 59 32.20 14.41 -19.78
C VAL A 59 30.95 15.27 -20.01
N TYR A 60 30.17 14.91 -21.00
CA TYR A 60 28.93 15.63 -21.31
C TYR A 60 27.76 14.69 -21.20
N PHE A 61 26.63 15.20 -20.63
CA PHE A 61 25.42 14.43 -20.72
C PHE A 61 24.40 15.24 -21.53
N ASP A 62 23.90 14.67 -22.63
CA ASP A 62 22.97 15.44 -23.53
C ASP A 62 23.55 16.81 -23.86
N GLY A 63 24.83 16.83 -24.19
CA GLY A 63 25.48 18.07 -24.62
C GLY A 63 25.84 19.03 -23.55
N VAL A 64 25.59 18.74 -22.26
CA VAL A 64 25.94 19.64 -21.20
C VAL A 64 27.11 19.05 -20.39
N LYS A 65 28.11 19.87 -20.07
CA LYS A 65 29.27 19.40 -19.34
C LYS A 65 28.94 19.07 -17.92
N VAL A 66 29.28 17.86 -17.50
CA VAL A 66 28.97 17.42 -16.14
CA VAL A 66 28.99 17.42 -16.14
C VAL A 66 30.21 17.03 -15.33
N ALA A 67 31.36 16.87 -15.95
CA ALA A 67 32.56 16.53 -15.23
C ALA A 67 33.79 16.86 -16.02
N THR A 68 34.91 17.03 -15.30
CA THR A 68 36.20 17.29 -15.92
CA THR A 68 36.21 17.29 -15.93
C THR A 68 37.29 16.70 -15.05
N GLY A 69 38.41 16.37 -15.66
CA GLY A 69 39.53 15.77 -14.90
C GLY A 69 40.76 15.64 -15.78
N ALA A 70 41.82 15.05 -15.23
CA ALA A 70 43.08 14.89 -15.93
C ALA A 70 43.18 13.63 -16.77
N ILE A 71 43.80 13.71 -17.95
CA ILE A 71 44.04 12.57 -18.78
C ILE A 71 45.30 11.95 -18.16
N THR A 72 45.28 10.62 -18.04
CA THR A 72 46.50 9.90 -17.54
C THR A 72 47.07 8.97 -18.66
N GLY A 73 47.84 9.55 -19.60
CA GLY A 73 48.30 8.72 -20.67
C GLY A 73 47.27 8.06 -21.58
N SER A 74 47.49 6.81 -21.96
CA SER A 74 46.76 6.10 -22.95
C SER A 74 45.38 5.49 -22.46
N GLN A 75 45.29 5.44 -21.15
CA GLN A 75 44.08 4.86 -20.47
C GLN A 75 43.73 5.69 -19.30
N THR A 76 42.49 6.19 -19.28
CA THR A 76 42.09 7.08 -18.20
C THR A 76 40.72 6.56 -17.63
N THR A 77 40.47 6.78 -16.34
CA THR A 77 39.13 6.53 -15.79
C THR A 77 38.55 7.83 -15.36
N ALA A 78 37.47 8.27 -16.04
CA ALA A 78 36.71 9.45 -15.64
C ALA A 78 35.94 9.01 -14.38
N SER A 79 36.14 9.71 -13.28
CA SER A 79 35.50 9.37 -11.97
CA SER A 79 35.45 9.38 -12.04
C SER A 79 34.80 10.64 -11.50
N PHE A 80 33.49 10.59 -11.30
CA PHE A 80 32.80 11.73 -10.80
C PHE A 80 31.50 11.28 -10.12
N GLU A 81 30.84 12.20 -9.48
CA GLU A 81 29.57 11.88 -8.76
C GLU A 81 28.41 12.62 -9.41
N TYR A 82 27.20 12.03 -9.41
CA TYR A 82 26.08 12.65 -10.08
C TYR A 82 24.78 12.36 -9.34
N GLY A 83 23.95 13.39 -9.13
CA GLY A 83 22.74 13.27 -8.25
C GLY A 83 21.46 12.86 -8.96
N GLN A 84 21.23 13.20 -10.24
CA GLN A 84 19.93 13.13 -10.82
C GLN A 84 19.84 11.84 -11.68
N GLY A 85 18.92 10.95 -11.35
CA GLY A 85 18.77 9.80 -12.15
C GLY A 85 18.19 10.11 -13.53
N GLY A 86 18.38 9.17 -14.41
CA GLY A 86 17.96 9.43 -15.74
C GLY A 86 18.73 8.61 -16.74
N LEU A 87 18.39 8.75 -18.01
CA LEU A 87 19.03 8.16 -19.15
C LEU A 87 19.61 9.31 -19.95
N TYR A 88 20.91 9.26 -20.23
CA TYR A 88 21.57 10.40 -20.90
C TYR A 88 22.43 9.92 -22.06
N GLN A 89 22.61 10.81 -23.07
CA GLN A 89 23.57 10.56 -24.12
C GLN A 89 24.92 11.12 -23.64
N MET A 90 25.86 10.22 -23.31
CA MET A 90 27.20 10.62 -22.84
C MET A 90 28.24 10.70 -23.94
N GLU A 91 29.01 11.79 -23.86
CA GLU A 91 30.25 11.88 -24.71
C GLU A 91 31.38 12.24 -23.80
N ILE A 92 32.58 11.70 -24.11
CA ILE A 92 33.79 12.08 -23.42
C ILE A 92 34.76 12.76 -24.44
N GLU A 93 35.23 13.91 -24.00
CA GLU A 93 36.13 14.71 -24.81
C GLU A 93 37.53 14.77 -24.15
N ALA A 94 38.59 14.79 -24.99
CA ALA A 94 39.92 15.07 -24.51
C ALA A 94 40.48 16.35 -25.10
N CYS A 95 41.12 17.14 -24.27
CA CYS A 95 41.53 18.48 -24.67
C CYS A 95 43.01 18.73 -24.37
N ASP A 96 43.63 19.53 -25.26
CA ASP A 96 44.89 20.15 -24.92
C ASP A 96 44.96 21.51 -25.62
N ALA A 97 46.14 22.14 -25.67
CA ALA A 97 46.18 23.46 -26.35
C ALA A 97 45.85 23.46 -27.82
N THR A 98 45.94 22.32 -28.49
CA THR A 98 45.70 22.21 -29.89
C THR A 98 44.20 22.06 -30.27
N GLY A 99 43.38 21.72 -29.27
CA GLY A 99 41.95 21.48 -29.55
C GLY A 99 41.47 20.25 -28.74
N CYS A 100 40.30 19.82 -29.13
CA CYS A 100 39.54 18.79 -28.36
C CYS A 100 38.97 17.86 -29.34
N SER A 101 38.90 16.59 -28.93
CA SER A 101 38.25 15.52 -29.69
C SER A 101 37.32 14.67 -28.82
N LYS A 102 36.23 14.26 -29.41
CA LYS A 102 35.18 13.62 -28.54
C LYS A 102 34.81 12.24 -29.05
N SER A 103 34.43 11.37 -28.10
CA SER A 103 33.95 10.05 -28.41
C SER A 103 32.61 10.15 -29.11
N ALA A 104 32.21 9.03 -29.73
CA ALA A 104 30.87 8.88 -30.13
C ALA A 104 29.92 8.94 -28.87
N PRO A 105 28.67 9.36 -29.07
CA PRO A 105 27.77 9.32 -27.88
C PRO A 105 27.36 7.89 -27.54
N VAL A 106 27.07 7.68 -26.26
CA VAL A 106 26.59 6.35 -25.83
C VAL A 106 25.62 6.58 -24.66
N GLU A 107 24.58 5.76 -24.53
CA GLU A 107 23.62 5.98 -23.47
C GLU A 107 24.14 5.51 -22.12
N ILE A 108 24.04 6.41 -21.11
CA ILE A 108 24.42 6.05 -19.73
C ILE A 108 23.10 6.04 -18.93
N THR A 109 22.98 5.06 -18.05
CA THR A 109 21.79 5.03 -17.12
C THR A 109 22.27 5.29 -15.72
N ILE A 110 21.61 6.23 -15.07
CA ILE A 110 21.79 6.52 -13.64
C ILE A 110 20.44 6.18 -12.94
N ALA A 111 20.46 5.01 -12.31
CA ALA A 111 19.17 4.59 -11.65
C ALA A 111 18.97 5.30 -10.35
N ASP A 112 17.69 5.67 -10.08
CA ASP A 112 17.34 6.22 -8.77
C ASP A 112 15.93 5.70 -8.46
N THR A 113 15.56 5.80 -7.17
CA THR A 113 14.36 5.15 -6.69
C THR A 113 13.14 6.03 -6.87
N ASP A 114 13.26 7.13 -7.62
CA ASP A 114 12.06 7.81 -8.10
C ASP A 114 11.66 7.29 -9.47
N GLY A 115 12.41 6.36 -10.05
CA GLY A 115 12.14 5.88 -11.37
C GLY A 115 12.50 6.82 -12.56
N SER A 116 13.30 7.86 -12.24
CA SER A 116 13.70 8.86 -13.29
C SER A 116 14.43 8.20 -14.50
N HIS A 117 15.02 7.02 -14.36
CA HIS A 117 15.61 6.35 -15.49
C HIS A 117 14.69 5.38 -16.24
N LEU A 118 13.39 5.26 -15.81
CA LEU A 118 12.52 4.31 -16.36
C LEU A 118 11.45 4.91 -17.30
N LYS A 119 11.11 4.17 -18.35
CA LYS A 119 9.94 4.49 -19.15
C LYS A 119 8.65 4.16 -18.40
N PRO A 120 7.55 4.85 -18.76
CA PRO A 120 6.27 4.53 -18.14
C PRO A 120 5.97 3.04 -18.24
N LEU A 121 5.47 2.42 -17.10
CA LEU A 121 5.09 1.07 -17.11
C LEU A 121 4.11 0.66 -18.15
N THR A 122 4.37 -0.45 -18.85
CA THR A 122 3.38 -1.10 -19.71
C THR A 122 2.31 -1.81 -18.82
N MET A 123 1.04 -1.47 -19.05
CA MET A 123 -0.03 -2.01 -18.23
C MET A 123 -0.70 -3.23 -18.87
N ASN A 124 -1.29 -4.07 -18.04
CA ASN A 124 -2.03 -5.24 -18.45
C ASN A 124 -3.20 -5.34 -17.48
N VAL A 125 -4.13 -4.43 -17.66
CA VAL A 125 -5.32 -4.30 -16.75
C VAL A 125 -6.53 -5.04 -17.30
N ASP A 126 -7.24 -5.76 -16.49
CA ASP A 126 -8.49 -6.43 -16.91
C ASP A 126 -9.41 -5.35 -17.51
N PRO A 127 -9.95 -5.56 -18.73
CA PRO A 127 -10.72 -4.57 -19.38
C PRO A 127 -12.11 -4.32 -18.81
N ASN A 128 -12.49 -5.18 -17.84
CA ASN A 128 -13.71 -4.95 -17.12
C ASN A 128 -13.56 -3.68 -16.23
N ASN A 129 -12.33 -3.24 -15.95
CA ASN A 129 -12.16 -1.89 -15.33
C ASN A 129 -12.49 -0.81 -16.35
N LYS A 130 -13.50 0.02 -16.04
CA LYS A 130 -13.97 1.00 -17.02
C LYS A 130 -13.43 2.39 -16.81
N SER A 131 -13.65 3.34 -17.72
CA SER A 131 -13.11 4.70 -17.60
C SER A 131 -14.13 5.62 -17.08
N TYR A 132 -13.66 6.54 -16.17
CA TYR A 132 -14.58 7.49 -15.58
C TYR A 132 -13.92 8.89 -15.68
N ASN A 133 -14.69 9.90 -15.28
CA ASN A 133 -14.12 11.28 -15.21
C ASN A 133 -14.38 11.79 -13.82
N THR A 134 -14.04 10.96 -12.84
CA THR A 134 -14.23 11.42 -11.42
C THR A 134 -13.39 12.63 -11.13
N ASP A 135 -13.96 13.59 -10.37
CA ASP A 135 -13.18 14.78 -10.08
C ASP A 135 -11.90 14.41 -9.35
N PRO A 136 -10.78 15.05 -9.69
CA PRO A 136 -9.55 14.76 -9.07
C PRO A 136 -9.42 15.08 -7.57
N SER A 137 -10.36 15.82 -7.04
CA SER A 137 -10.32 16.07 -5.60
C SER A 137 -10.69 14.82 -4.76
N ILE A 138 -11.43 13.85 -5.35
CA ILE A 138 -11.96 12.76 -4.58
CA ILE A 138 -12.00 12.74 -4.62
C ILE A 138 -10.96 11.64 -4.44
N VAL A 139 -10.80 11.14 -3.21
CA VAL A 139 -9.89 10.00 -2.99
C VAL A 139 -10.55 8.73 -3.50
N MET A 140 -9.74 7.98 -4.28
CA MET A 140 -10.09 6.65 -4.80
C MET A 140 -8.88 5.80 -4.48
N GLY A 141 -8.93 5.15 -3.35
CA GLY A 141 -7.76 4.45 -2.86
C GLY A 141 -7.92 2.94 -2.92
N THR A 142 -6.77 2.24 -2.86
CA THR A 142 -6.79 0.81 -2.65
C THR A 142 -5.47 0.34 -2.00
N TYR A 143 -5.49 -0.87 -1.49
N TYR A 143 -5.48 -0.85 -1.47
CA TYR A 143 -4.26 -1.56 -1.02
CA TYR A 143 -4.25 -1.54 -1.05
C TYR A 143 -3.77 -2.63 -2.02
C TYR A 143 -3.79 -2.51 -2.15
N PHE A 144 -2.49 -2.51 -2.39
CA PHE A 144 -1.79 -3.54 -3.11
C PHE A 144 -0.90 -4.23 -2.13
N VAL A 145 -0.99 -5.56 -2.09
CA VAL A 145 -0.23 -6.38 -1.08
C VAL A 145 1.03 -7.00 -1.72
N GLU A 146 2.11 -6.89 -1.00
CA GLU A 146 3.43 -7.34 -1.49
C GLU A 146 3.40 -8.84 -1.87
N TRP A 147 2.67 -9.67 -1.16
CA TRP A 147 2.65 -11.13 -1.44
C TRP A 147 1.67 -11.46 -2.55
N GLY A 148 0.93 -10.47 -3.09
CA GLY A 148 0.01 -10.78 -4.18
C GLY A 148 0.59 -11.31 -5.43
N ILE A 149 1.88 -11.25 -5.54
CA ILE A 149 2.58 -11.69 -6.79
C ILE A 149 2.83 -13.21 -6.78
N TYR A 150 2.47 -13.88 -5.73
CA TYR A 150 2.68 -15.35 -5.66
C TYR A 150 1.42 -16.06 -6.16
N GLY A 151 0.77 -16.77 -5.27
CA GLY A 151 -0.44 -17.52 -5.68
C GLY A 151 -1.53 -16.68 -6.29
N ARG A 152 -1.69 -15.48 -5.77
CA ARG A 152 -2.76 -14.61 -6.30
C ARG A 152 -2.41 -14.04 -7.73
N ASP A 153 -1.13 -14.14 -8.12
CA ASP A 153 -0.69 -13.76 -9.50
C ASP A 153 -1.15 -12.40 -9.94
N TYR A 154 -1.02 -11.42 -9.02
CA TYR A 154 -1.55 -10.08 -9.31
C TYR A 154 -0.42 -9.12 -9.08
N THR A 155 0.06 -8.52 -10.15
CA THR A 155 1.26 -7.68 -10.20
C THR A 155 0.99 -6.21 -10.42
N VAL A 156 1.95 -5.36 -10.20
CA VAL A 156 1.71 -3.94 -10.25
C VAL A 156 1.10 -3.52 -11.57
N ASP A 157 1.52 -4.09 -12.72
CA ASP A 157 0.93 -3.68 -13.99
C ASP A 157 -0.49 -4.14 -14.20
N ASN A 158 -1.03 -4.96 -13.29
CA ASN A 158 -2.48 -5.31 -13.33
C ASN A 158 -3.38 -4.23 -12.73
N MET A 159 -2.80 -3.29 -11.99
CA MET A 159 -3.70 -2.34 -11.25
C MET A 159 -4.31 -1.37 -12.21
N PRO A 160 -5.58 -0.99 -11.99
CA PRO A 160 -6.27 -0.03 -12.87
C PRO A 160 -5.90 1.37 -12.39
N VAL A 161 -4.65 1.74 -12.66
CA VAL A 161 -4.07 2.95 -12.08
C VAL A 161 -4.80 4.23 -12.45
N ASP A 162 -5.46 4.27 -13.64
CA ASP A 162 -6.17 5.55 -13.98
C ASP A 162 -7.39 5.75 -13.12
N ASN A 163 -7.80 4.69 -12.43
CA ASN A 163 -8.99 4.77 -11.56
C ASN A 163 -8.59 4.85 -10.08
N LEU A 164 -7.32 5.16 -9.81
CA LEU A 164 -6.87 5.26 -8.41
C LEU A 164 -6.19 6.57 -8.18
N THR A 165 -6.35 7.18 -7.02
CA THR A 165 -5.58 8.32 -6.61
C THR A 165 -4.47 7.93 -5.66
N HIS A 166 -4.71 6.86 -4.87
CA HIS A 166 -3.78 6.47 -3.81
C HIS A 166 -3.68 4.98 -3.85
N ILE A 167 -2.42 4.51 -3.81
CA ILE A 167 -2.10 3.08 -3.63
C ILE A 167 -1.36 2.93 -2.33
N LEU A 168 -1.96 2.15 -1.40
CA LEU A 168 -1.34 1.87 -0.11
CA LEU A 168 -1.35 1.84 -0.08
C LEU A 168 -0.65 0.51 -0.25
N TYR A 169 0.65 0.48 -0.02
CA TYR A 169 1.42 -0.74 -0.21
C TYR A 169 1.50 -1.49 1.08
N GLY A 170 0.85 -2.63 1.12
CA GLY A 170 0.72 -3.44 2.36
C GLY A 170 1.79 -4.58 2.36
N PHE A 171 2.62 -4.78 3.39
N PHE A 171 2.61 -4.81 3.39
CA PHE A 171 2.78 -3.90 4.56
CA PHE A 171 2.79 -3.98 4.59
C PHE A 171 4.22 -3.95 4.94
C PHE A 171 4.29 -3.92 4.86
N ILE A 172 4.67 -2.81 5.48
CA ILE A 172 6.04 -2.66 5.94
C ILE A 172 6.04 -2.99 7.45
N PRO A 173 6.81 -3.98 7.86
CA PRO A 173 6.95 -4.33 9.29
C PRO A 173 7.86 -3.41 10.03
N ILE A 174 7.72 -3.48 11.36
CA ILE A 174 8.64 -2.75 12.36
C ILE A 174 9.39 -3.85 13.06
N CYS A 175 10.72 -3.73 13.13
CA CYS A 175 11.45 -4.74 13.89
C CYS A 175 11.10 -4.68 15.42
N GLY A 176 11.08 -5.84 16.03
CA GLY A 176 10.80 -5.90 17.48
C GLY A 176 9.83 -7.05 17.76
N PRO A 177 8.97 -6.87 18.77
CA PRO A 177 8.01 -7.98 19.09
C PRO A 177 7.00 -8.17 17.95
N ASN A 178 6.90 -9.39 17.47
CA ASN A 178 6.10 -9.70 16.31
C ASN A 178 5.54 -11.11 16.37
N GLU A 179 5.19 -11.57 17.57
CA GLU A 179 4.58 -12.88 17.66
C GLU A 179 3.32 -13.05 16.86
N SER A 180 2.55 -11.98 16.63
CA SER A 180 1.31 -12.11 15.83
C SER A 180 1.53 -12.59 14.40
N VAL A 181 2.76 -12.39 13.89
CA VAL A 181 3.08 -12.82 12.51
C VAL A 181 3.02 -14.33 12.42
N LYS A 182 3.28 -15.03 13.52
CA LYS A 182 3.27 -16.51 13.45
C LYS A 182 1.88 -17.02 13.16
N SER A 183 0.84 -16.21 13.39
CA SER A 183 -0.52 -16.63 13.06
C SER A 183 -0.75 -16.89 11.57
N VAL A 184 0.09 -16.38 10.63
CA VAL A 184 -0.15 -16.65 9.19
C VAL A 184 0.64 -17.90 8.81
N GLY A 185 1.46 -18.43 9.72
CA GLY A 185 2.22 -19.68 9.41
C GLY A 185 3.24 -19.45 8.31
N GLY A 186 3.71 -20.53 7.69
CA GLY A 186 4.69 -20.31 6.61
C GLY A 186 5.97 -19.61 7.13
N ASN A 187 6.63 -18.95 6.21
CA ASN A 187 7.93 -18.34 6.43
CA ASN A 187 7.93 -18.37 6.55
C ASN A 187 7.87 -16.88 6.87
N SER A 188 6.69 -16.30 7.06
CA SER A 188 6.56 -14.86 7.33
CA SER A 188 6.60 -14.83 7.31
C SER A 188 7.36 -14.41 8.57
N PHE A 189 7.19 -15.09 9.73
CA PHE A 189 7.97 -14.70 10.92
C PHE A 189 9.49 -14.84 10.68
N ASN A 190 9.88 -15.97 10.11
CA ASN A 190 11.33 -16.19 9.90
C ASN A 190 11.93 -15.18 8.91
N ALA A 191 11.14 -14.88 7.88
CA ALA A 191 11.65 -13.82 6.92
C ALA A 191 11.82 -12.48 7.63
N LEU A 192 10.93 -12.15 8.56
CA LEU A 192 11.12 -10.90 9.37
C LEU A 192 12.36 -11.00 10.25
N GLN A 193 12.61 -12.17 10.88
CA GLN A 193 13.83 -12.28 11.69
C GLN A 193 15.05 -12.04 10.84
N THR A 194 15.06 -12.59 9.65
CA THR A 194 16.19 -12.33 8.73
C THR A 194 16.32 -10.86 8.41
N ALA A 195 15.20 -10.22 8.06
CA ALA A 195 15.27 -8.79 7.66
C ALA A 195 15.73 -7.95 8.78
N CYS A 196 15.40 -8.31 10.04
CA CYS A 196 15.76 -7.50 11.20
C CYS A 196 17.14 -7.84 11.84
N ARG A 197 17.83 -8.82 11.25
CA ARG A 197 19.21 -9.14 11.72
C ARG A 197 20.08 -7.85 11.49
N GLY A 198 20.71 -7.38 12.59
CA GLY A 198 21.55 -6.18 12.50
C GLY A 198 20.81 -4.88 12.39
N VAL A 199 19.49 -4.92 12.56
CA VAL A 199 18.60 -3.73 12.57
C VAL A 199 18.13 -3.42 13.98
N ASN A 200 18.14 -2.16 14.39
CA ASN A 200 17.65 -1.82 15.71
C ASN A 200 16.12 -2.10 15.85
N ASP A 201 15.68 -2.56 17.04
CA ASP A 201 14.24 -2.68 17.25
C ASP A 201 13.59 -1.32 17.03
N TYR A 202 12.35 -1.39 16.47
CA TYR A 202 11.46 -0.23 16.25
C TYR A 202 11.80 0.53 14.98
N GLU A 203 12.70 -0.03 14.16
CA GLU A 203 12.97 0.54 12.83
C GLU A 203 12.20 -0.27 11.80
N VAL A 204 11.76 0.41 10.73
CA VAL A 204 11.13 -0.31 9.60
C VAL A 204 12.09 -1.10 8.74
N VAL A 205 11.59 -2.15 8.14
CA VAL A 205 12.34 -2.93 7.14
C VAL A 205 11.40 -3.39 6.04
N ILE A 206 11.96 -3.85 4.94
CA ILE A 206 11.19 -4.53 3.90
C ILE A 206 11.04 -5.99 4.32
N HIS A 207 9.81 -6.52 4.31
CA HIS A 207 9.59 -7.89 4.82
CA HIS A 207 9.62 -7.87 4.82
C HIS A 207 10.10 -8.92 3.81
N ASP A 208 9.85 -8.68 2.51
CA ASP A 208 10.15 -9.68 1.46
C ASP A 208 10.92 -9.02 0.35
N PRO A 209 12.26 -9.01 0.44
CA PRO A 209 13.02 -8.29 -0.59
C PRO A 209 12.96 -8.98 -1.94
N TRP A 210 12.58 -10.26 -2.01
CA TRP A 210 12.41 -10.87 -3.32
C TRP A 210 11.26 -10.17 -4.05
N ALA A 211 10.12 -10.12 -3.40
CA ALA A 211 8.99 -9.43 -4.02
C ALA A 211 9.22 -7.97 -4.19
N ALA A 212 9.90 -7.33 -3.24
CA ALA A 212 10.03 -5.86 -3.27
C ALA A 212 10.98 -5.40 -4.38
N TYR A 213 12.16 -6.05 -4.53
CA TYR A 213 13.18 -5.43 -5.48
C TYR A 213 14.11 -6.47 -6.18
N GLN A 214 13.96 -7.77 -5.91
CA GLN A 214 14.87 -8.74 -6.57
C GLN A 214 14.21 -9.47 -7.71
N LYS A 215 12.92 -9.79 -7.63
CA LYS A 215 12.32 -10.65 -8.63
C LYS A 215 12.25 -9.94 -9.99
N SER A 216 12.67 -10.63 -11.08
CA SER A 216 12.60 -10.00 -12.42
CA SER A 216 12.57 -10.11 -12.45
C SER A 216 11.22 -10.21 -13.02
N PHE A 217 10.57 -9.10 -13.33
CA PHE A 217 9.29 -9.19 -14.02
C PHE A 217 9.49 -8.90 -15.54
N PRO A 218 9.26 -9.98 -16.37
CA PRO A 218 9.51 -9.78 -17.81
C PRO A 218 8.59 -8.73 -18.41
N GLN A 219 7.36 -8.61 -17.88
CA GLN A 219 6.52 -7.53 -18.44
C GLN A 219 7.00 -6.11 -18.22
N ALA A 220 7.92 -5.94 -17.26
CA ALA A 220 8.50 -4.65 -16.97
C ALA A 220 9.85 -4.46 -17.70
N GLY A 221 10.21 -5.49 -18.45
CA GLY A 221 11.50 -5.38 -19.21
C GLY A 221 12.68 -5.67 -18.30
N HIS A 222 12.43 -6.26 -17.12
CA HIS A 222 13.55 -6.54 -16.19
C HIS A 222 14.40 -7.65 -16.83
N GLU A 223 15.71 -7.54 -16.56
CA GLU A 223 16.71 -8.58 -16.78
CA GLU A 223 16.66 -8.65 -16.77
C GLU A 223 17.32 -8.95 -15.45
N TYR A 224 17.96 -10.09 -15.35
CA TYR A 224 18.52 -10.53 -14.09
C TYR A 224 19.51 -9.44 -13.59
N SER A 225 20.27 -8.78 -14.48
CA SER A 225 21.20 -7.78 -14.05
C SER A 225 20.68 -6.35 -13.87
N THR A 226 19.37 -6.12 -14.05
CA THR A 226 18.82 -4.81 -13.84
C THR A 226 18.98 -4.43 -12.30
N PRO A 227 19.33 -3.16 -12.02
CA PRO A 227 19.75 -2.87 -10.67
C PRO A 227 18.60 -2.79 -9.68
N ILE A 228 17.40 -2.44 -10.16
CA ILE A 228 16.24 -2.42 -9.22
C ILE A 228 15.18 -3.24 -9.95
N LYS A 229 14.56 -4.22 -9.31
CA LYS A 229 13.56 -5.03 -9.97
C LYS A 229 12.32 -5.10 -8.99
N GLY A 230 11.57 -6.17 -9.07
CA GLY A 230 10.48 -6.41 -8.04
C GLY A 230 9.31 -5.42 -8.21
N ASN A 231 8.46 -5.48 -7.20
CA ASN A 231 7.31 -4.58 -7.19
C ASN A 231 7.76 -3.11 -7.09
N TYR A 232 8.86 -2.80 -6.41
CA TYR A 232 9.28 -1.46 -6.23
C TYR A 232 9.71 -0.84 -7.57
N ALA A 233 10.48 -1.57 -8.39
CA ALA A 233 10.81 -0.96 -9.68
C ALA A 233 9.57 -0.82 -10.52
N MET A 234 8.57 -1.73 -10.38
CA MET A 234 7.34 -1.52 -11.20
C MET A 234 6.58 -0.27 -10.65
N LEU A 235 6.55 -0.05 -9.33
CA LEU A 235 5.86 1.14 -8.83
C LEU A 235 6.56 2.41 -9.25
N MET A 236 7.90 2.37 -9.33
CA MET A 236 8.63 3.53 -9.90
C MET A 236 8.23 3.79 -11.31
N ALA A 237 8.16 2.74 -12.12
CA ALA A 237 7.73 2.91 -13.56
C ALA A 237 6.26 3.35 -13.65
N LEU A 238 5.42 2.89 -12.67
CA LEU A 238 4.00 3.29 -12.66
C LEU A 238 3.94 4.79 -12.34
N LYS A 239 4.76 5.31 -11.45
CA LYS A 239 4.76 6.73 -11.14
C LYS A 239 5.26 7.59 -12.36
N GLN A 240 6.12 7.01 -13.23
CA GLN A 240 6.49 7.74 -14.45
C GLN A 240 5.30 7.83 -15.40
N ARG A 241 4.43 6.84 -15.38
CA ARG A 241 3.24 6.80 -16.25
C ARG A 241 2.14 7.74 -15.72
N ASN A 242 1.97 7.73 -14.37
CA ASN A 242 0.88 8.50 -13.69
C ASN A 242 1.49 9.33 -12.60
N PRO A 243 2.14 10.46 -12.94
CA PRO A 243 2.89 11.26 -11.96
C PRO A 243 2.13 11.89 -10.81
N ASP A 244 0.80 12.01 -10.97
CA ASP A 244 -0.03 12.55 -9.85
C ASP A 244 -0.52 11.44 -8.94
N LEU A 245 -0.19 10.19 -9.23
CA LEU A 245 -0.57 9.08 -8.31
C LEU A 245 0.19 9.23 -7.00
N LYS A 246 -0.45 8.94 -5.88
CA LYS A 246 0.27 8.91 -4.59
C LYS A 246 0.45 7.46 -4.22
N ILE A 247 1.67 7.08 -3.88
CA ILE A 247 1.96 5.67 -3.49
C ILE A 247 2.50 5.77 -2.08
N ILE A 248 1.88 5.14 -1.09
CA ILE A 248 2.17 5.37 0.33
C ILE A 248 2.43 4.00 1.01
N PRO A 249 3.54 3.79 1.68
CA PRO A 249 3.75 2.52 2.42
C PRO A 249 2.84 2.43 3.60
N SER A 250 2.23 1.27 3.79
CA SER A 250 1.38 1.07 4.93
CA SER A 250 1.36 1.03 4.94
C SER A 250 2.16 0.27 5.94
N ILE A 251 2.36 0.89 7.11
CA ILE A 251 3.13 0.25 8.20
C ILE A 251 2.22 -0.43 9.18
N GLY A 252 2.40 -1.75 9.43
CA GLY A 252 1.56 -2.45 10.41
C GLY A 252 0.53 -3.35 9.69
N GLY A 253 -0.69 -3.13 10.07
CA GLY A 253 -1.79 -4.06 9.66
C GLY A 253 -2.10 -5.02 10.79
N TRP A 254 -2.98 -5.97 10.52
CA TRP A 254 -3.41 -6.89 11.60
C TRP A 254 -2.26 -7.70 12.24
N THR A 255 -1.41 -8.29 11.39
CA THR A 255 -0.37 -9.18 11.90
C THR A 255 0.94 -8.50 12.31
N LEU A 256 1.09 -7.23 11.91
CA LEU A 256 2.40 -6.52 12.05
C LEU A 256 2.27 -5.30 12.98
N SER A 257 1.23 -5.29 13.80
CA SER A 257 1.06 -4.17 14.77
C SER A 257 1.68 -4.36 16.15
N ASP A 258 2.32 -5.49 16.47
CA ASP A 258 2.70 -5.67 17.86
C ASP A 258 3.70 -4.60 18.34
N PRO A 259 4.67 -4.19 17.50
CA PRO A 259 5.61 -3.15 18.06
C PRO A 259 5.00 -1.83 18.42
N PHE A 260 3.83 -1.46 17.84
CA PHE A 260 3.25 -0.17 18.12
C PHE A 260 2.89 -0.04 19.58
N TYR A 261 2.55 -1.15 20.29
CA TYR A 261 2.16 -1.05 21.73
C TYR A 261 3.36 -0.58 22.63
N ASP A 262 4.59 -0.61 22.07
CA ASP A 262 5.70 -0.07 22.89
C ASP A 262 5.98 1.34 22.55
N PHE A 263 5.08 2.00 21.79
CA PHE A 263 5.31 3.45 21.46
C PHE A 263 4.85 4.37 22.59
N VAL A 264 4.37 3.77 23.70
CA VAL A 264 4.15 4.56 24.90
C VAL A 264 5.45 5.13 25.39
N ASP A 265 6.58 4.57 25.01
CA ASP A 265 7.88 5.13 25.38
C ASP A 265 8.40 5.96 24.19
N LYS A 266 8.49 7.30 24.34
CA LYS A 266 8.97 8.17 23.27
C LYS A 266 10.27 7.66 22.58
N LYS A 267 11.23 7.12 23.35
CA LYS A 267 12.47 6.65 22.77
C LYS A 267 12.21 5.70 21.58
N ASN A 268 11.15 4.87 21.69
CA ASN A 268 10.89 3.96 20.61
C ASN A 268 10.18 4.67 19.46
N ARG A 269 9.37 5.67 19.76
CA ARG A 269 8.83 6.54 18.65
C ARG A 269 9.99 7.23 17.93
N ASP A 270 10.97 7.78 18.68
CA ASP A 270 12.04 8.49 18.00
C ASP A 270 12.83 7.62 17.02
N THR A 271 13.07 6.37 17.49
CA THR A 271 13.77 5.41 16.64
C THR A 271 12.95 5.13 15.34
N PHE A 272 11.63 4.90 15.60
CA PHE A 272 10.77 4.58 14.46
C PHE A 272 10.69 5.76 13.44
N VAL A 273 10.46 6.97 13.94
CA VAL A 273 10.27 8.14 13.09
C VAL A 273 11.54 8.42 12.29
N ALA A 274 12.70 8.26 12.96
CA ALA A 274 13.92 8.43 12.15
C ALA A 274 14.12 7.39 11.04
N SER A 275 13.75 6.12 11.37
CA SER A 275 13.85 5.07 10.36
CA SER A 275 13.81 5.09 10.41
C SER A 275 12.89 5.35 9.19
N VAL A 276 11.70 5.87 9.44
CA VAL A 276 10.77 6.21 8.36
C VAL A 276 11.35 7.34 7.47
N LYS A 277 11.99 8.35 8.13
CA LYS A 277 12.61 9.41 7.28
C LYS A 277 13.67 8.77 6.34
N LYS A 278 14.51 7.88 6.91
CA LYS A 278 15.52 7.26 6.10
C LYS A 278 14.93 6.41 4.99
N PHE A 279 13.82 5.69 5.33
CA PHE A 279 13.10 4.89 4.35
C PHE A 279 12.59 5.72 3.15
N LEU A 280 12.06 6.92 3.44
CA LEU A 280 11.47 7.73 2.36
C LEU A 280 12.59 8.44 1.61
N LYS A 281 13.72 8.66 2.24
CA LYS A 281 14.89 9.18 1.41
C LYS A 281 15.46 8.06 0.52
N THR A 282 15.37 6.78 0.92
CA THR A 282 15.89 5.65 0.19
C THR A 282 15.00 5.33 -0.99
N TRP A 283 13.65 5.34 -0.74
CA TRP A 283 12.66 4.87 -1.72
C TRP A 283 11.82 6.03 -2.09
N LYS A 284 12.29 6.75 -3.14
CA LYS A 284 11.75 8.05 -3.38
C LYS A 284 10.43 8.06 -4.12
N PHE A 285 9.99 6.92 -4.63
CA PHE A 285 8.63 6.82 -5.27
C PHE A 285 7.53 6.97 -4.21
N TYR A 286 7.81 6.71 -2.94
CA TYR A 286 6.78 6.83 -1.91
C TYR A 286 6.52 8.32 -1.56
N ASP A 287 5.24 8.62 -1.25
CA ASP A 287 4.74 9.99 -1.04
C ASP A 287 4.30 10.35 0.36
N GLY A 288 4.64 9.53 1.35
CA GLY A 288 4.14 9.79 2.70
C GLY A 288 4.24 8.47 3.45
N VAL A 289 3.45 8.43 4.53
CA VAL A 289 3.38 7.21 5.32
C VAL A 289 2.01 6.98 5.82
N ASP A 290 1.56 5.70 5.84
CA ASP A 290 0.29 5.34 6.39
C ASP A 290 0.52 4.46 7.59
N ILE A 291 -0.10 4.74 8.72
CA ILE A 291 0.09 3.99 9.94
C ILE A 291 -1.16 3.16 10.21
N ASP A 292 -1.01 1.84 10.12
CA ASP A 292 -2.22 0.96 10.33
C ASP A 292 -1.92 0.23 11.60
N TRP A 293 -2.07 0.92 12.75
CA TRP A 293 -1.91 0.27 14.08
C TRP A 293 -3.27 -0.32 14.41
N GLU A 294 -3.30 -1.65 14.54
CA GLU A 294 -4.58 -2.36 14.83
C GLU A 294 -4.36 -3.07 16.20
N PHE A 295 -4.68 -2.39 17.34
CA PHE A 295 -5.36 -1.10 17.43
C PHE A 295 -4.89 -0.45 18.75
N PRO A 296 -4.86 0.89 18.76
CA PRO A 296 -4.72 1.46 20.14
C PRO A 296 -5.75 0.94 21.06
N GLY A 297 -5.30 0.53 22.26
CA GLY A 297 -6.17 0.00 23.25
C GLY A 297 -6.38 -1.52 23.19
N GLY A 298 -5.92 -2.13 22.12
CA GLY A 298 -5.99 -3.62 21.92
C GLY A 298 -7.22 -4.04 21.11
N GLY A 299 -7.45 -5.36 21.20
CA GLY A 299 -8.55 -5.92 20.45
C GLY A 299 -8.11 -6.44 19.09
N GLY A 300 -6.82 -6.41 18.79
CA GLY A 300 -6.28 -6.91 17.53
C GLY A 300 -5.77 -8.33 17.65
N ALA A 301 -4.75 -8.62 16.90
CA ALA A 301 -4.17 -10.00 16.84
C ALA A 301 -3.52 -10.36 18.16
N ALA A 302 -2.96 -9.41 18.88
CA ALA A 302 -2.25 -9.76 20.13
C ALA A 302 -3.22 -9.65 21.31
N ALA A 303 -3.57 -10.78 21.88
CA ALA A 303 -4.50 -10.79 22.94
C ALA A 303 -3.93 -10.23 24.23
N ASP A 304 -2.61 -10.24 24.37
CA ASP A 304 -1.89 -9.78 25.58
C ASP A 304 -1.40 -8.35 25.45
N LYS A 305 -1.90 -7.60 24.42
CA LYS A 305 -1.43 -6.20 24.29
C LYS A 305 -2.65 -5.27 24.14
N GLY A 306 -2.37 -4.02 24.48
CA GLY A 306 -3.38 -2.94 24.35
C GLY A 306 -3.51 -2.24 25.70
N ASP A 307 -3.41 -0.93 25.64
CA ASP A 307 -3.52 -0.07 26.89
C ASP A 307 -4.48 1.08 26.53
N PRO A 308 -5.75 0.97 26.93
N PRO A 308 -5.74 0.97 27.04
CA PRO A 308 -6.81 1.98 26.68
CA PRO A 308 -6.77 1.95 26.66
C PRO A 308 -6.41 3.39 27.22
C PRO A 308 -6.56 3.33 27.32
N VAL A 309 -5.60 3.44 28.25
CA VAL A 309 -5.22 4.77 28.84
C VAL A 309 -4.12 5.44 28.04
N ASN A 310 -3.10 4.67 27.66
CA ASN A 310 -1.87 5.24 27.14
C ASN A 310 -1.67 5.13 25.63
N ASP A 311 -2.42 4.21 24.97
CA ASP A 311 -2.10 4.06 23.56
C ASP A 311 -2.60 5.25 22.74
N GLY A 312 -3.75 5.83 23.10
CA GLY A 312 -4.25 6.97 22.37
C GLY A 312 -3.27 8.16 22.40
N PRO A 313 -2.80 8.55 23.59
CA PRO A 313 -1.85 9.62 23.62
C PRO A 313 -0.53 9.26 22.91
N ALA A 314 -0.13 7.97 22.91
CA ALA A 314 1.03 7.56 22.10
C ALA A 314 0.80 7.71 20.60
N TYR A 315 -0.41 7.31 20.16
CA TYR A 315 -0.78 7.47 18.72
C TYR A 315 -0.76 8.91 18.32
N ILE A 316 -1.34 9.79 19.19
CA ILE A 316 -1.32 11.24 18.87
C ILE A 316 0.09 11.79 18.81
N ALA A 317 0.92 11.42 19.82
CA ALA A 317 2.31 11.88 19.71
C ALA A 317 3.06 11.38 18.54
N LEU A 318 2.83 10.10 18.21
CA LEU A 318 3.38 9.53 16.95
C LEU A 318 3.02 10.42 15.74
N MET A 319 1.75 10.75 15.59
CA MET A 319 1.38 11.57 14.47
C MET A 319 2.04 12.98 14.45
N ARG A 320 2.05 13.58 15.63
CA ARG A 320 2.75 14.90 15.81
CA ARG A 320 2.70 14.92 15.69
C ARG A 320 4.20 14.80 15.33
N GLU A 321 4.86 13.77 15.77
CA GLU A 321 6.27 13.54 15.55
C GLU A 321 6.56 13.14 14.12
N LEU A 322 5.67 12.30 13.54
CA LEU A 322 5.83 12.02 12.14
C LEU A 322 5.60 13.28 11.24
N ARG A 323 4.62 14.09 11.62
CA ARG A 323 4.42 15.34 10.83
C ARG A 323 5.63 16.32 10.93
N VAL A 324 6.27 16.35 12.11
CA VAL A 324 7.56 17.18 12.23
C VAL A 324 8.57 16.65 11.23
N MET A 325 8.71 15.30 11.14
CA MET A 325 9.67 14.69 10.31
C MET A 325 9.33 14.87 8.84
N LEU A 326 8.06 14.73 8.46
CA LEU A 326 7.67 14.94 7.08
C LEU A 326 7.85 16.40 6.58
N ASP A 327 7.65 17.31 7.53
CA ASP A 327 7.89 18.75 7.25
C ASP A 327 9.40 18.88 6.96
N GLU A 328 10.27 18.20 7.70
CA GLU A 328 11.70 18.28 7.35
C GLU A 328 11.93 17.76 5.95
N LEU A 329 11.31 16.63 5.53
CA LEU A 329 11.52 16.13 4.19
C LEU A 329 10.99 17.11 3.17
N GLU A 330 9.84 17.73 3.44
CA GLU A 330 9.28 18.72 2.46
C GLU A 330 10.29 19.88 2.30
N ALA A 331 10.89 20.31 3.39
CA ALA A 331 11.92 21.43 3.31
C ALA A 331 13.09 21.00 2.46
N GLU A 332 13.53 19.74 2.64
CA GLU A 332 14.67 19.19 1.92
C GLU A 332 14.46 18.96 0.47
N THR A 333 13.24 18.59 0.06
CA THR A 333 13.01 18.09 -1.26
C THR A 333 12.14 19.02 -2.08
N GLY A 334 11.44 19.93 -1.44
CA GLY A 334 10.40 20.66 -2.14
C GLY A 334 9.12 19.87 -2.48
N ARG A 335 9.01 18.61 -2.01
CA ARG A 335 7.84 17.80 -2.32
C ARG A 335 6.79 17.96 -1.22
N THR A 336 5.58 17.49 -1.49
CA THR A 336 4.54 17.39 -0.42
C THR A 336 4.43 15.93 -0.01
N TYR A 337 4.38 15.69 1.28
CA TYR A 337 4.29 14.31 1.86
C TYR A 337 3.02 14.23 2.70
N GLU A 338 2.33 13.11 2.52
CA GLU A 338 1.07 12.90 3.26
C GLU A 338 1.22 11.97 4.44
N LEU A 339 0.47 12.18 5.48
CA LEU A 339 0.44 11.31 6.67
C LEU A 339 -1.01 10.86 6.80
N THR A 340 -1.15 9.55 6.80
CA THR A 340 -2.51 8.93 6.88
C THR A 340 -2.50 7.76 7.87
N SER A 341 -3.71 7.28 8.15
CA SER A 341 -3.82 6.08 9.05
C SER A 341 -5.11 5.34 8.77
N ALA A 342 -5.05 4.04 8.80
CA ALA A 342 -6.30 3.23 8.76
C ALA A 342 -6.62 2.90 10.17
N ILE A 343 -7.92 3.06 10.51
CA ILE A 343 -8.37 2.97 11.90
C ILE A 343 -9.57 2.01 12.04
N GLY A 344 -9.73 1.42 13.22
CA GLY A 344 -10.96 0.69 13.55
C GLY A 344 -12.13 1.66 13.69
N VAL A 345 -13.35 1.20 13.34
CA VAL A 345 -14.52 2.10 13.50
C VAL A 345 -15.59 1.56 14.45
N GLY A 346 -15.34 0.42 15.12
CA GLY A 346 -16.23 0.08 16.29
C GLY A 346 -16.04 1.13 17.37
N TYR A 347 -17.15 1.38 18.07
CA TYR A 347 -17.11 2.39 19.16
C TYR A 347 -15.98 2.12 20.13
N ASP A 348 -15.66 0.84 20.35
CA ASP A 348 -14.67 0.53 21.39
CA ASP A 348 -14.68 0.38 21.32
C ASP A 348 -13.25 0.71 20.89
N LYS A 349 -13.09 0.86 19.54
CA LYS A 349 -11.78 1.24 19.03
C LYS A 349 -11.68 2.77 19.01
N ILE A 350 -12.73 3.47 18.51
CA ILE A 350 -12.67 4.91 18.45
C ILE A 350 -12.51 5.59 19.81
N GLU A 351 -13.09 4.99 20.83
CA GLU A 351 -13.05 5.64 22.19
C GLU A 351 -11.64 5.65 22.72
N ASP A 352 -10.71 4.85 22.24
CA ASP A 352 -9.38 4.84 22.77
C ASP A 352 -8.44 5.85 22.13
N VAL A 353 -8.86 6.68 21.16
CA VAL A 353 -8.01 7.70 20.59
C VAL A 353 -8.77 9.00 20.56
N ASP A 354 -8.14 10.12 21.03
CA ASP A 354 -8.78 11.44 20.83
C ASP A 354 -8.40 12.00 19.49
N TYR A 355 -9.24 11.53 18.50
CA TYR A 355 -8.99 11.90 17.14
C TYR A 355 -9.10 13.39 16.84
N ALA A 356 -9.90 14.11 17.64
CA ALA A 356 -9.91 15.56 17.45
C ALA A 356 -8.50 16.14 17.59
N ASP A 357 -7.68 15.57 18.48
CA ASP A 357 -6.29 16.04 18.60
C ASP A 357 -5.44 15.42 17.42
N ALA A 358 -5.51 14.08 17.25
CA ALA A 358 -4.62 13.50 16.21
C ALA A 358 -4.79 14.03 14.82
N VAL A 359 -6.06 14.24 14.41
CA VAL A 359 -6.28 14.54 13.01
C VAL A 359 -5.75 15.89 12.55
N GLN A 360 -5.41 16.77 13.50
CA GLN A 360 -4.79 17.99 13.01
C GLN A 360 -3.45 17.76 12.28
N TYR A 361 -2.80 16.58 12.51
CA TYR A 361 -1.53 16.31 11.91
C TYR A 361 -1.59 15.53 10.59
N MET A 362 -2.80 15.06 10.30
CA MET A 362 -3.00 13.98 9.31
C MET A 362 -3.71 14.52 8.07
N ASP A 363 -3.42 14.00 6.90
CA ASP A 363 -4.17 14.34 5.69
C ASP A 363 -5.45 13.53 5.59
N TYR A 364 -5.40 12.21 5.88
CA TYR A 364 -6.57 11.37 5.70
C TYR A 364 -6.59 10.31 6.76
N ILE A 365 -7.79 9.90 7.16
CA ILE A 365 -8.13 8.72 7.98
C ILE A 365 -8.84 7.76 7.08
N PHE A 366 -8.26 6.58 6.87
CA PHE A 366 -8.93 5.49 6.09
C PHE A 366 -9.70 4.72 7.14
N ALA A 367 -11.03 4.97 7.15
CA ALA A 367 -11.92 4.33 8.17
C ALA A 367 -12.20 2.89 7.72
N MET A 368 -11.79 1.93 8.57
CA MET A 368 -11.90 0.48 8.20
CA MET A 368 -11.92 0.49 8.15
C MET A 368 -13.35 0.03 8.38
N THR A 369 -14.21 0.51 7.49
CA THR A 369 -15.71 0.16 7.57
C THR A 369 -15.98 -1.18 6.94
N TYR A 370 -15.35 -2.18 7.55
CA TYR A 370 -15.49 -3.60 7.08
C TYR A 370 -15.02 -4.48 8.25
N ASP A 371 -15.13 -5.80 8.11
CA ASP A 371 -14.79 -6.74 9.21
C ASP A 371 -15.66 -6.55 10.44
N PHE A 372 -16.94 -6.22 10.24
CA PHE A 372 -17.78 -6.03 11.46
C PHE A 372 -18.23 -7.36 12.02
N TYR A 373 -18.41 -8.34 11.11
CA TYR A 373 -18.86 -9.74 11.44
C TYR A 373 -18.00 -10.63 10.58
N GLY A 374 -17.81 -11.87 11.06
CA GLY A 374 -16.92 -12.77 10.29
C GLY A 374 -16.78 -14.13 10.89
N GLY A 375 -15.93 -14.93 10.26
CA GLY A 375 -15.87 -16.40 10.58
C GLY A 375 -15.07 -16.62 11.86
N TRP A 376 -14.54 -15.59 12.55
CA TRP A 376 -13.94 -15.82 13.85
C TRP A 376 -14.98 -16.34 14.87
N ASN A 377 -16.27 -16.11 14.68
CA ASN A 377 -17.29 -16.80 15.46
C ASN A 377 -18.45 -17.24 14.58
N ASN A 378 -19.51 -17.76 15.18
CA ASN A 378 -20.61 -18.38 14.40
C ASN A 378 -21.84 -17.50 14.36
N VAL A 379 -21.67 -16.17 14.53
CA VAL A 379 -22.76 -15.23 14.50
C VAL A 379 -22.79 -14.49 13.15
N PRO A 380 -23.77 -14.80 12.30
CA PRO A 380 -23.87 -14.03 11.05
C PRO A 380 -24.12 -12.55 11.27
N GLY A 381 -23.67 -11.76 10.29
CA GLY A 381 -24.09 -10.32 10.28
C GLY A 381 -23.50 -9.75 9.03
N HIS A 382 -23.76 -8.47 8.87
CA HIS A 382 -23.20 -7.73 7.69
C HIS A 382 -21.84 -7.17 8.01
N GLN A 383 -20.83 -7.64 7.25
CA GLN A 383 -19.46 -7.21 7.63
C GLN A 383 -19.09 -5.82 7.22
N THR A 384 -19.82 -5.18 6.32
CA THR A 384 -19.37 -3.88 5.77
C THR A 384 -20.55 -2.91 5.47
N ALA A 385 -21.66 -3.13 6.22
CA ALA A 385 -22.88 -2.39 6.01
C ALA A 385 -22.74 -0.93 6.41
N LEU A 386 -23.46 -0.03 5.73
N LEU A 386 -23.48 -0.09 5.72
CA LEU A 386 -23.61 1.35 6.24
CA LEU A 386 -23.61 1.29 6.10
C LEU A 386 -24.41 1.43 7.53
C LEU A 386 -24.42 1.54 7.35
N TYR A 387 -25.54 0.77 7.52
CA TYR A 387 -26.48 0.99 8.59
C TYR A 387 -26.82 -0.30 9.25
N CYS A 388 -27.67 -0.22 10.27
CA CYS A 388 -28.00 -1.40 11.05
C CYS A 388 -28.97 -2.33 10.29
N GLY A 389 -28.67 -3.59 10.23
CA GLY A 389 -29.49 -4.56 9.53
C GLY A 389 -30.79 -4.90 10.28
N SER A 390 -31.66 -5.52 9.45
CA SER A 390 -32.94 -6.07 9.97
C SER A 390 -32.66 -7.11 11.07
N PHE A 391 -31.56 -7.86 10.97
CA PHE A 391 -31.25 -8.96 11.92
C PHE A 391 -31.00 -8.45 13.36
N MET A 392 -30.67 -7.16 13.55
CA MET A 392 -30.24 -6.70 14.86
C MET A 392 -31.50 -6.59 15.76
N ARG A 393 -31.24 -6.75 17.06
CA ARG A 393 -32.36 -6.65 18.09
C ARG A 393 -32.74 -5.23 18.36
N PRO A 394 -33.94 -4.99 18.97
CA PRO A 394 -34.24 -3.64 19.46
C PRO A 394 -33.21 -3.07 20.40
N GLY A 395 -32.84 -1.84 20.10
CA GLY A 395 -31.77 -1.13 20.85
C GLY A 395 -30.34 -1.62 20.60
N GLN A 396 -30.16 -2.63 19.70
CA GLN A 396 -28.78 -3.04 19.34
C GLN A 396 -28.11 -1.93 18.53
N CYS A 397 -28.82 -1.28 17.64
CA CYS A 397 -28.16 -0.31 16.76
C CYS A 397 -27.48 0.78 17.51
N ASP A 398 -28.20 1.42 18.48
CA ASP A 398 -27.62 2.56 19.21
C ASP A 398 -26.96 2.10 20.56
N GLY A 399 -27.14 0.81 20.88
CA GLY A 399 -26.52 0.18 22.13
C GLY A 399 -27.28 0.38 23.39
N GLY A 400 -28.45 1.01 23.27
CA GLY A 400 -29.35 1.16 24.49
C GLY A 400 -30.09 -0.06 24.87
N GLY A 401 -30.10 -1.10 24.05
CA GLY A 401 -30.95 -2.29 24.27
C GLY A 401 -30.20 -3.32 25.15
N VAL A 402 -30.84 -4.49 25.25
CA VAL A 402 -30.25 -5.66 25.83
C VAL A 402 -30.26 -6.83 24.85
N ASP A 403 -29.27 -7.71 25.00
CA ASP A 403 -29.11 -8.87 24.14
C ASP A 403 -30.08 -9.96 24.55
N GLU A 404 -29.99 -11.16 23.92
CA GLU A 404 -30.98 -12.21 24.11
C GLU A 404 -30.94 -12.81 25.54
N ASN A 405 -29.82 -12.61 26.24
CA ASN A 405 -29.66 -12.98 27.66
C ASN A 405 -30.10 -11.90 28.63
N GLY A 406 -30.59 -10.76 28.13
CA GLY A 406 -30.84 -9.64 28.99
C GLY A 406 -29.67 -8.78 29.39
N GLU A 407 -28.48 -8.96 28.77
CA GLU A 407 -27.34 -8.18 29.13
C GLU A 407 -27.25 -6.90 28.30
N PRO A 408 -26.93 -5.74 28.91
CA PRO A 408 -26.79 -4.46 28.17
C PRO A 408 -25.83 -4.62 26.99
N TYR A 409 -26.22 -4.05 25.86
CA TYR A 409 -25.16 -3.81 24.86
C TYR A 409 -24.20 -2.77 25.45
N LYS A 410 -22.93 -2.91 25.07
CA LYS A 410 -21.93 -2.08 25.63
C LYS A 410 -21.67 -0.79 24.87
N GLY A 411 -22.10 -0.77 23.61
CA GLY A 411 -22.05 0.44 22.78
C GLY A 411 -22.85 0.14 21.49
N PRO A 412 -22.83 1.13 20.62
CA PRO A 412 -23.57 0.97 19.32
C PRO A 412 -23.02 -0.14 18.48
N ALA A 413 -23.91 -0.70 17.66
CA ALA A 413 -23.55 -1.83 16.86
C ALA A 413 -22.47 -1.45 15.81
N TYR A 414 -21.79 -2.50 15.34
N TYR A 414 -21.80 -2.50 15.34
CA TYR A 414 -20.72 -2.29 14.33
CA TYR A 414 -20.74 -2.27 14.34
C TYR A 414 -21.31 -2.06 12.96
C TYR A 414 -21.35 -2.05 12.97
N THR A 415 -21.43 -0.78 12.57
CA THR A 415 -21.87 -0.37 11.24
C THR A 415 -21.00 0.77 10.80
N ALA A 416 -20.97 1.07 9.49
CA ALA A 416 -20.10 2.19 9.06
C ALA A 416 -20.62 3.52 9.58
N ASP A 417 -21.92 3.75 9.51
CA ASP A 417 -22.42 5.06 9.99
C ASP A 417 -22.27 5.19 11.44
N ASN A 418 -22.38 4.15 12.28
CA ASN A 418 -22.16 4.42 13.72
C ASN A 418 -20.74 4.89 13.94
N GLY A 419 -19.77 4.36 13.21
CA GLY A 419 -18.35 4.81 13.46
C GLY A 419 -18.09 6.16 12.82
N ILE A 420 -18.56 6.42 11.62
CA ILE A 420 -18.36 7.76 11.02
C ILE A 420 -19.02 8.80 11.88
N GLN A 421 -20.22 8.54 12.40
CA GLN A 421 -20.85 9.64 13.25
C GLN A 421 -20.09 9.80 14.54
N LEU A 422 -19.52 8.77 15.13
CA LEU A 422 -18.68 9.00 16.39
C LEU A 422 -17.48 9.82 16.05
N LEU A 423 -16.86 9.66 14.87
CA LEU A 423 -15.73 10.48 14.50
C LEU A 423 -16.14 11.90 14.23
N LEU A 424 -17.19 12.12 13.46
CA LEU A 424 -17.65 13.47 13.18
C LEU A 424 -18.07 14.21 14.43
N ALA A 425 -18.71 13.53 15.34
CA ALA A 425 -19.26 14.26 16.54
C ALA A 425 -18.15 14.75 17.40
N GLN A 426 -16.95 14.21 17.34
CA GLN A 426 -15.83 14.77 18.14
C GLN A 426 -14.98 15.73 17.42
N GLY A 427 -15.39 16.12 16.24
CA GLY A 427 -14.78 17.19 15.48
C GLY A 427 -13.79 16.74 14.39
N VAL A 428 -13.74 15.46 14.06
CA VAL A 428 -12.92 15.10 12.88
C VAL A 428 -13.62 15.64 11.62
N PRO A 429 -12.87 16.39 10.81
CA PRO A 429 -13.51 16.92 9.60
C PRO A 429 -13.89 15.87 8.59
N ALA A 430 -15.09 15.99 8.05
CA ALA A 430 -15.57 14.98 7.04
C ALA A 430 -14.62 14.89 5.93
N ASN A 431 -14.00 15.99 5.49
CA ASN A 431 -13.16 15.95 4.29
C ASN A 431 -11.78 15.28 4.53
N LYS A 432 -11.56 14.76 5.76
CA LYS A 432 -10.35 13.96 6.02
C LYS A 432 -10.77 12.53 6.11
N LEU A 433 -12.04 12.12 6.12
CA LEU A 433 -12.45 10.72 6.30
C LEU A 433 -12.64 10.06 4.95
N VAL A 434 -12.05 8.88 4.80
CA VAL A 434 -12.20 8.09 3.55
C VAL A 434 -12.90 6.77 3.94
N LEU A 435 -14.00 6.46 3.24
CA LEU A 435 -14.90 5.33 3.62
C LEU A 435 -14.40 4.03 2.97
N GLY A 436 -14.35 2.97 3.79
CA GLY A 436 -13.81 1.69 3.26
C GLY A 436 -14.86 0.81 2.56
N THR A 437 -14.38 0.23 1.48
CA THR A 437 -15.21 -0.76 0.74
CA THR A 437 -15.13 -0.65 0.58
C THR A 437 -14.45 -2.04 0.66
N ALA A 438 -15.21 -3.13 0.79
CA ALA A 438 -14.61 -4.49 0.82
C ALA A 438 -14.62 -5.12 -0.54
N MET A 439 -13.45 -5.54 -0.99
CA MET A 439 -13.35 -6.38 -2.23
C MET A 439 -13.25 -7.83 -1.89
N TYR A 440 -13.90 -8.26 -0.82
CA TYR A 440 -13.95 -9.64 -0.37
C TYR A 440 -15.18 -9.85 0.47
N GLY A 441 -15.52 -11.14 0.62
CA GLY A 441 -16.58 -11.50 1.56
C GLY A 441 -16.01 -12.26 2.75
N ARG A 442 -16.80 -12.25 3.83
CA ARG A 442 -16.50 -13.18 4.94
C ARG A 442 -17.66 -14.13 5.02
N GLY A 443 -17.44 -15.36 5.48
CA GLY A 443 -18.63 -16.25 5.45
C GLY A 443 -18.47 -17.47 6.33
N TRP A 444 -19.61 -18.18 6.29
CA TRP A 444 -19.86 -19.28 7.27
C TRP A 444 -20.41 -20.42 6.48
N GLU A 445 -20.34 -21.59 7.15
CA GLU A 445 -21.16 -22.70 6.66
C GLU A 445 -22.09 -23.11 7.76
N GLY A 446 -23.07 -23.92 7.38
CA GLY A 446 -23.99 -24.50 8.42
C GLY A 446 -25.14 -23.58 8.78
N VAL A 447 -25.29 -22.41 8.08
CA VAL A 447 -26.43 -21.55 8.34
C VAL A 447 -27.63 -22.10 7.52
N THR A 448 -28.25 -23.18 8.03
CA THR A 448 -29.33 -23.77 7.28
C THR A 448 -30.66 -23.12 7.65
N PRO A 449 -31.70 -23.29 6.81
CA PRO A 449 -32.97 -22.57 7.03
C PRO A 449 -33.59 -22.82 8.38
N ASP A 450 -33.37 -24.00 8.97
CA ASP A 450 -33.97 -24.31 10.29
C ASP A 450 -33.38 -23.48 11.43
N THR A 451 -32.24 -22.79 11.17
CA THR A 451 -31.56 -22.03 12.24
C THR A 451 -32.01 -20.56 12.29
N LEU A 452 -32.80 -20.10 11.30
CA LEU A 452 -33.19 -18.68 11.17
C LEU A 452 -34.35 -18.36 12.09
N THR A 453 -34.25 -17.26 12.82
CA THR A 453 -35.40 -16.77 13.62
C THR A 453 -36.35 -15.99 12.81
N ASP A 454 -35.86 -15.36 11.73
CA ASP A 454 -36.71 -14.79 10.72
C ASP A 454 -36.46 -15.50 9.41
N PRO A 455 -37.39 -16.27 8.83
CA PRO A 455 -37.15 -17.05 7.64
C PRO A 455 -36.73 -16.31 6.36
N ASN A 456 -37.01 -14.98 6.31
CA ASN A 456 -36.64 -14.16 5.20
C ASN A 456 -35.17 -13.71 5.32
N ASP A 457 -34.54 -13.93 6.48
CA ASP A 457 -33.22 -13.29 6.68
C ASP A 457 -32.20 -14.23 7.18
N PRO A 458 -31.26 -14.71 6.36
CA PRO A 458 -30.25 -15.62 6.82
C PRO A 458 -29.28 -15.02 7.88
N MET A 459 -29.22 -13.68 7.96
CA MET A 459 -28.45 -13.08 9.07
C MET A 459 -29.04 -13.25 10.46
N THR A 460 -30.23 -13.92 10.52
CA THR A 460 -30.80 -14.36 11.81
C THR A 460 -30.52 -15.82 12.10
N GLY A 461 -29.70 -16.47 11.29
CA GLY A 461 -29.37 -17.91 11.57
C GLY A 461 -28.16 -18.06 12.45
N THR A 462 -27.62 -19.29 12.53
CA THR A 462 -26.42 -19.62 13.30
C THR A 462 -25.57 -20.48 12.47
N ALA A 463 -24.29 -20.26 12.51
CA ALA A 463 -23.35 -21.05 11.69
C ALA A 463 -22.81 -22.20 12.50
N THR A 464 -22.24 -23.18 11.79
CA THR A 464 -21.44 -24.24 12.42
C THR A 464 -19.93 -24.02 12.28
N GLY A 465 -19.46 -23.14 11.39
CA GLY A 465 -18.04 -22.95 11.19
C GLY A 465 -17.79 -21.95 10.03
N LYS A 466 -16.54 -21.79 9.68
CA LYS A 466 -16.12 -20.85 8.60
C LYS A 466 -16.43 -21.43 7.21
N LEU A 467 -16.65 -20.55 6.20
CA LEU A 467 -16.70 -20.98 4.79
C LEU A 467 -15.38 -21.64 4.44
N LYS A 468 -15.50 -22.76 3.71
CA LYS A 468 -14.35 -23.50 3.27
C LYS A 468 -14.31 -23.47 1.78
N GLY A 469 -13.13 -23.49 1.21
CA GLY A 469 -13.02 -23.47 -0.28
C GLY A 469 -11.60 -23.57 -0.71
N SER A 470 -11.32 -23.48 -2.01
CA SER A 470 -9.98 -23.58 -2.53
C SER A 470 -9.47 -22.29 -3.06
N THR A 471 -8.18 -22.18 -3.25
CA THR A 471 -7.61 -20.93 -3.75
C THR A 471 -8.15 -20.60 -5.15
N ALA A 472 -8.47 -21.57 -6.00
CA ALA A 472 -9.05 -21.21 -7.31
C ALA A 472 -10.41 -20.55 -7.21
N GLN A 473 -11.07 -20.79 -6.06
CA GLN A 473 -12.40 -20.16 -5.75
C GLN A 473 -12.20 -18.78 -5.07
N GLY A 474 -10.95 -18.43 -4.83
CA GLY A 474 -10.65 -17.14 -4.12
C GLY A 474 -10.67 -17.28 -2.65
N VAL A 475 -10.63 -18.50 -2.11
CA VAL A 475 -10.61 -18.69 -0.67
C VAL A 475 -9.20 -18.98 -0.25
N TRP A 476 -8.47 -17.96 0.17
CA TRP A 476 -7.05 -18.10 0.57
C TRP A 476 -6.91 -18.42 2.00
N GLU A 477 -7.94 -18.18 2.81
CA GLU A 477 -7.99 -18.66 4.18
C GLU A 477 -9.42 -18.92 4.53
N ASP A 478 -9.69 -19.87 5.46
CA ASP A 478 -11.05 -20.21 5.70
C ASP A 478 -11.86 -18.98 6.20
N GLY A 479 -13.11 -18.85 5.71
CA GLY A 479 -14.01 -17.80 6.14
C GLY A 479 -13.78 -16.51 5.32
N VAL A 480 -12.96 -16.51 4.29
CA VAL A 480 -12.71 -15.17 3.61
C VAL A 480 -12.63 -15.60 2.09
N ILE A 481 -13.29 -14.83 1.26
CA ILE A 481 -13.31 -15.15 -0.22
C ILE A 481 -13.14 -13.83 -1.03
N ASP A 482 -12.32 -13.89 -2.05
CA ASP A 482 -12.17 -12.74 -2.93
C ASP A 482 -13.51 -12.36 -3.53
N TYR A 483 -13.81 -11.06 -3.75
CA TYR A 483 -15.01 -10.72 -4.55
C TYR A 483 -15.04 -11.41 -5.92
N LYS A 484 -13.89 -11.47 -6.59
CA LYS A 484 -13.97 -12.09 -7.94
C LYS A 484 -14.30 -13.58 -7.80
N GLY A 485 -14.02 -14.26 -6.69
CA GLY A 485 -14.53 -15.58 -6.37
C GLY A 485 -15.98 -15.64 -6.13
N ILE A 486 -16.55 -14.69 -5.40
CA ILE A 486 -18.00 -14.67 -5.21
C ILE A 486 -18.69 -14.52 -6.55
N LYS A 487 -18.15 -13.65 -7.39
CA LYS A 487 -18.76 -13.40 -8.72
C LYS A 487 -18.68 -14.69 -9.57
N SER A 488 -17.58 -15.39 -9.55
CA SER A 488 -17.44 -16.62 -10.43
C SER A 488 -18.10 -17.79 -9.90
N PHE A 489 -18.24 -17.97 -8.58
CA PHE A 489 -18.75 -19.19 -7.98
C PHE A 489 -20.07 -19.10 -7.33
N MET A 490 -20.65 -17.90 -7.12
CA MET A 490 -21.91 -17.74 -6.39
CA MET A 490 -21.87 -17.75 -6.40
C MET A 490 -22.89 -16.81 -7.10
N LEU A 491 -22.42 -15.72 -7.71
CA LEU A 491 -23.34 -14.74 -8.38
C LEU A 491 -23.61 -15.10 -9.83
N GLY A 492 -22.60 -15.40 -10.58
CA GLY A 492 -22.70 -15.45 -12.05
C GLY A 492 -22.80 -14.14 -12.71
N ALA A 493 -22.80 -14.10 -14.04
CA ALA A 493 -22.67 -12.83 -14.78
C ALA A 493 -23.93 -11.97 -14.56
N ASN A 494 -25.11 -12.63 -14.44
CA ASN A 494 -26.35 -11.85 -14.32
C ASN A 494 -26.63 -11.45 -12.88
N ASN A 495 -25.81 -11.90 -11.94
CA ASN A 495 -25.95 -11.52 -10.52
C ASN A 495 -27.17 -12.12 -9.88
N THR A 496 -27.72 -13.21 -10.47
CA THR A 496 -28.88 -13.81 -9.93
C THR A 496 -28.70 -15.16 -9.22
N GLY A 497 -27.42 -15.59 -9.15
CA GLY A 497 -27.07 -16.77 -8.31
C GLY A 497 -26.80 -18.00 -9.18
N ILE A 498 -25.74 -18.72 -8.83
CA ILE A 498 -25.35 -19.98 -9.48
C ILE A 498 -24.85 -20.90 -8.38
N ASN A 499 -24.73 -22.19 -8.77
CA ASN A 499 -24.18 -23.18 -7.84
C ASN A 499 -24.97 -23.32 -6.57
N GLY A 500 -26.28 -23.08 -6.60
CA GLY A 500 -27.14 -23.29 -5.45
C GLY A 500 -27.21 -22.03 -4.57
N PHE A 501 -26.49 -20.93 -4.93
CA PHE A 501 -26.62 -19.73 -4.07
C PHE A 501 -27.72 -18.85 -4.59
N GLU A 502 -28.36 -18.20 -3.65
CA GLU A 502 -29.30 -17.14 -4.00
C GLU A 502 -28.72 -15.80 -3.54
N TYR A 503 -29.04 -14.74 -4.21
CA TYR A 503 -28.60 -13.38 -3.83
C TYR A 503 -29.74 -12.72 -3.04
N GLY A 504 -29.38 -11.97 -1.96
CA GLY A 504 -30.29 -11.14 -1.27
C GLY A 504 -29.65 -9.80 -0.88
N TYR A 505 -30.48 -8.89 -0.40
CA TYR A 505 -29.97 -7.47 -0.08
C TYR A 505 -30.78 -6.96 1.02
N ASP A 506 -30.11 -6.50 2.09
CA ASP A 506 -30.80 -5.82 3.18
C ASP A 506 -30.87 -4.36 2.89
N ALA A 507 -32.03 -3.88 2.43
CA ALA A 507 -32.14 -2.50 1.99
C ALA A 507 -32.00 -1.45 3.09
N GLN A 508 -32.27 -1.86 4.33
CA GLN A 508 -32.06 -0.98 5.50
C GLN A 508 -30.56 -0.82 5.76
N ALA A 509 -29.82 -1.92 5.73
CA ALA A 509 -28.42 -1.87 6.11
C ALA A 509 -27.60 -1.36 4.96
N GLU A 510 -28.07 -1.52 3.72
CA GLU A 510 -27.25 -1.39 2.45
C GLU A 510 -26.15 -2.44 2.45
N ALA A 511 -26.62 -3.72 2.35
CA ALA A 511 -25.66 -4.81 2.43
C ALA A 511 -26.14 -6.05 1.72
N PRO A 512 -25.34 -6.61 0.81
CA PRO A 512 -25.74 -7.83 0.07
C PRO A 512 -25.25 -9.10 0.74
N TRP A 513 -25.87 -10.21 0.32
CA TRP A 513 -25.36 -11.53 0.73
C TRP A 513 -25.67 -12.54 -0.32
N VAL A 514 -24.92 -13.63 -0.26
CA VAL A 514 -25.29 -14.87 -1.06
C VAL A 514 -25.42 -15.98 -0.06
N TRP A 515 -26.40 -16.87 -0.33
CA TRP A 515 -26.73 -17.93 0.62
C TRP A 515 -27.07 -19.17 -0.16
N ASN A 516 -26.43 -20.28 0.20
CA ASN A 516 -26.81 -21.61 -0.37
C ASN A 516 -27.57 -22.30 0.77
N ARG A 517 -28.90 -22.44 0.62
CA ARG A 517 -29.72 -23.02 1.70
C ARG A 517 -29.39 -24.50 1.98
N SER A 518 -28.91 -25.20 0.96
CA SER A 518 -28.50 -26.67 1.12
C SER A 518 -27.28 -26.86 1.97
N THR A 519 -26.20 -26.12 1.66
CA THR A 519 -24.96 -26.20 2.45
C THR A 519 -24.96 -25.32 3.67
N GLY A 520 -25.84 -24.36 3.70
CA GLY A 520 -25.83 -23.33 4.76
C GLY A 520 -24.63 -22.37 4.56
N GLU A 521 -24.01 -22.38 3.39
CA GLU A 521 -22.93 -21.36 3.13
C GLU A 521 -23.51 -19.96 2.95
N LEU A 522 -23.01 -18.99 3.75
CA LEU A 522 -23.58 -17.63 3.76
C LEU A 522 -22.38 -16.68 3.70
N ILE A 523 -22.42 -15.72 2.79
CA ILE A 523 -21.28 -14.82 2.60
C ILE A 523 -21.81 -13.37 2.56
N THR A 524 -21.11 -12.54 3.40
CA THR A 524 -21.37 -11.09 3.49
C THR A 524 -20.27 -10.31 2.85
N PHE A 525 -20.62 -9.37 1.99
CA PHE A 525 -19.61 -8.73 1.14
C PHE A 525 -20.14 -7.38 0.71
N ASP A 526 -19.41 -6.70 -0.19
CA ASP A 526 -19.92 -5.45 -0.87
C ASP A 526 -20.17 -5.75 -2.34
N ASP A 527 -21.24 -5.20 -2.88
CA ASP A 527 -21.51 -5.40 -4.32
C ASP A 527 -21.84 -4.10 -4.99
N HIS A 528 -22.20 -4.14 -6.27
CA HIS A 528 -22.45 -2.88 -6.96
C HIS A 528 -23.44 -2.01 -6.22
N ARG A 529 -24.58 -2.53 -5.78
CA ARG A 529 -25.58 -1.73 -5.07
C ARG A 529 -25.03 -1.11 -3.78
N SER A 530 -24.37 -1.92 -2.97
CA SER A 530 -23.95 -1.40 -1.68
C SER A 530 -22.80 -0.41 -1.83
N VAL A 531 -21.94 -0.58 -2.85
CA VAL A 531 -20.88 0.42 -3.14
C VAL A 531 -21.45 1.71 -3.69
N LEU A 532 -22.47 1.62 -4.57
CA LEU A 532 -23.17 2.85 -4.96
C LEU A 532 -23.76 3.53 -3.72
N ALA A 533 -24.33 2.80 -2.76
CA ALA A 533 -24.87 3.42 -1.53
C ALA A 533 -23.74 4.10 -0.75
N LYS A 534 -22.58 3.45 -0.66
CA LYS A 534 -21.46 4.12 0.05
C LYS A 534 -21.02 5.35 -0.66
N GLY A 535 -20.98 5.40 -1.99
CA GLY A 535 -20.60 6.66 -2.67
C GLY A 535 -21.65 7.71 -2.44
N ASN A 536 -22.92 7.37 -2.50
CA ASN A 536 -23.96 8.39 -2.20
C ASN A 536 -23.82 8.92 -0.82
N TYR A 537 -23.54 8.04 0.12
CA TYR A 537 -23.36 8.48 1.52
C TYR A 537 -22.13 9.40 1.61
N ALA A 538 -21.05 9.02 1.02
CA ALA A 538 -19.85 9.87 1.03
C ALA A 538 -20.18 11.24 0.46
N LYS A 539 -20.91 11.31 -0.65
CA LYS A 539 -21.23 12.63 -1.29
C LYS A 539 -22.12 13.35 -0.26
N SER A 540 -23.10 12.68 0.37
CA SER A 540 -24.04 13.36 1.28
CA SER A 540 -24.00 13.41 1.23
C SER A 540 -23.29 14.02 2.43
N LEU A 541 -22.27 13.37 2.96
CA LEU A 541 -21.61 13.88 4.17
CA LEU A 541 -21.62 13.87 4.18
C LEU A 541 -20.36 14.68 3.87
N GLY A 542 -19.94 14.76 2.61
CA GLY A 542 -18.76 15.48 2.23
C GLY A 542 -17.48 14.73 2.66
N LEU A 543 -17.52 13.39 2.63
CA LEU A 543 -16.28 12.65 2.95
C LEU A 543 -15.27 12.81 1.82
N ALA A 544 -14.00 12.51 2.10
CA ALA A 544 -12.96 12.71 1.12
C ALA A 544 -13.05 11.78 -0.08
N GLY A 545 -13.65 10.61 0.17
CA GLY A 545 -13.81 9.63 -0.92
C GLY A 545 -13.88 8.25 -0.36
N LEU A 546 -13.40 7.29 -1.20
CA LEU A 546 -13.56 5.84 -0.86
C LEU A 546 -12.20 5.17 -0.99
N PHE A 547 -12.03 4.10 -0.21
CA PHE A 547 -10.83 3.22 -0.49
C PHE A 547 -11.30 1.83 -0.35
N SER A 548 -10.43 0.90 -0.70
CA SER A 548 -10.80 -0.54 -0.75
C SER A 548 -9.63 -1.42 -0.32
N TRP A 549 -9.98 -2.53 0.37
N TRP A 549 -10.02 -2.61 0.16
CA TRP A 549 -9.03 -3.63 0.62
CA TRP A 549 -9.11 -3.64 0.65
C TRP A 549 -9.64 -4.83 -0.12
C TRP A 549 -9.65 -4.94 -0.02
N GLU A 550 -8.91 -5.62 -0.90
CA GLU A 550 -7.56 -5.37 -1.48
C GLU A 550 -7.68 -5.54 -3.02
N ILE A 551 -6.84 -4.81 -3.76
CA ILE A 551 -7.14 -4.65 -5.18
C ILE A 551 -7.05 -5.97 -5.99
N ASP A 552 -6.20 -6.90 -5.54
CA ASP A 552 -6.11 -8.18 -6.32
C ASP A 552 -7.38 -8.96 -6.29
N ALA A 553 -8.29 -8.68 -5.33
CA ALA A 553 -9.47 -9.51 -5.18
C ALA A 553 -10.66 -8.99 -6.01
N ASP A 554 -10.51 -7.83 -6.61
CA ASP A 554 -11.61 -7.26 -7.48
C ASP A 554 -11.43 -7.80 -8.87
N ASN A 555 -12.56 -7.82 -9.60
CA ASN A 555 -12.52 -8.06 -11.04
C ASN A 555 -12.77 -6.79 -11.81
N GLY A 556 -12.78 -5.60 -11.17
CA GLY A 556 -13.17 -4.35 -11.76
C GLY A 556 -14.55 -3.89 -11.27
N ASP A 557 -15.44 -4.79 -10.89
CA ASP A 557 -16.79 -4.36 -10.52
C ASP A 557 -16.79 -3.43 -9.31
N ILE A 558 -15.97 -3.70 -8.29
CA ILE A 558 -16.08 -2.88 -7.09
C ILE A 558 -15.42 -1.52 -7.30
N LEU A 559 -14.24 -1.44 -7.95
CA LEU A 559 -13.70 -0.11 -8.22
C LEU A 559 -14.57 0.66 -9.21
N ASN A 560 -15.13 -0.03 -10.20
CA ASN A 560 -16.08 0.71 -11.07
C ASN A 560 -17.23 1.28 -10.30
N ALA A 561 -17.79 0.52 -9.37
CA ALA A 561 -18.93 1.05 -8.56
C ALA A 561 -18.48 2.16 -7.61
N MET A 562 -17.23 2.11 -7.16
CA MET A 562 -16.73 3.24 -6.34
C MET A 562 -16.77 4.51 -7.15
N HIS A 563 -16.29 4.52 -8.39
CA HIS A 563 -16.38 5.67 -9.25
C HIS A 563 -17.82 6.03 -9.59
N GLU A 564 -18.64 5.03 -9.94
CA GLU A 564 -19.99 5.34 -10.41
CA GLU A 564 -19.97 5.40 -10.40
C GLU A 564 -20.74 6.07 -9.29
N GLY A 565 -20.59 5.58 -8.07
CA GLY A 565 -21.29 6.19 -6.90
C GLY A 565 -20.86 7.62 -6.55
N MET A 566 -19.68 8.04 -7.02
CA MET A 566 -19.07 9.35 -6.78
CA MET A 566 -19.32 9.45 -6.70
C MET A 566 -19.32 10.30 -7.92
N ALA A 567 -20.00 9.85 -9.01
CA ALA A 567 -20.14 10.72 -10.13
C ALA A 567 -20.89 12.04 -9.79
N GLY A 568 -20.27 13.06 -10.38
CA GLY A 568 -20.74 14.45 -10.14
C GLY A 568 -20.09 15.14 -8.95
N GLY A 569 -19.59 14.38 -7.96
CA GLY A 569 -19.18 15.00 -6.73
C GLY A 569 -17.83 15.63 -6.75
N VAL A 570 -17.64 16.63 -5.89
CA VAL A 570 -16.31 17.22 -5.68
C VAL A 570 -16.15 17.36 -4.17
N VAL A 571 -14.91 17.54 -3.73
CA VAL A 571 -14.73 17.77 -2.33
CA VAL A 571 -14.69 17.77 -2.30
C VAL A 571 -13.57 18.75 -2.16
N THR A 572 -13.53 19.40 -0.98
CA THR A 572 -12.43 20.27 -0.65
C THR A 572 -11.28 19.37 -0.16
N PRO A 573 -10.13 19.35 -0.84
CA PRO A 573 -9.00 18.54 -0.31
C PRO A 573 -8.55 19.16 1.00
N PRO A 574 -8.06 18.33 1.94
CA PRO A 574 -7.54 18.90 3.20
C PRO A 574 -6.28 19.78 2.84
N ASN A 575 -6.13 20.92 3.53
CA ASN A 575 -5.20 22.04 3.14
C ASN A 575 -3.76 21.66 2.68
C1 DM5 B . -7.08 -9.66 9.06
C2 DM5 B . -6.13 -10.64 8.64
C3 DM5 B . -6.03 -11.89 9.23
C4 DM5 B . -6.88 -12.19 10.31
C5 DM5 B . -7.83 -11.23 10.76
C6 DM5 B . -8.68 -11.53 11.82
O6 DM5 B . -8.63 -12.63 12.40
C7 DM5 B . -9.64 -10.58 12.26
C8 DM5 B . -10.44 -10.91 13.37
O8 DM5 B . -10.23 -12.04 13.86
C9 DM5 B . -11.37 -9.93 13.82
C10 DM5 B . -12.22 -10.26 15.06
O10 DM5 B . -11.19 -10.11 16.16
C11 DM5 B . -13.26 -9.21 15.53
C12 DM5 B . -12.85 -7.75 15.20
O12 DM5 B . -11.69 -7.50 16.12
C13 DM5 B . -13.99 -6.72 15.45
O13 DM5 B . -13.81 -5.84 16.30
C14 DM5 B . -15.35 -6.79 14.70
C15 DM5 B . -12.49 -7.63 13.72
C16 DM5 B . -11.47 -8.71 13.22
C17 DM5 B . -10.68 -8.38 12.15
O17 DM5 B . -10.79 -7.12 11.63
C18 DM5 B . -9.73 -9.33 11.67
C19 DM5 B . -8.88 -9.05 10.60
O19 DM5 B . -8.89 -7.93 10.05
C20 DM5 B . -7.93 -9.99 10.14
C1' DM5 B . -11.12 -11.34 16.96
C2' DM5 B . -9.78 -11.29 17.83
C3' DM5 B . -9.94 -10.18 18.90
N3' DM5 B . -8.73 -10.08 19.76
C4' DM5 B . -11.21 -10.39 19.78
O4' DM5 B . -11.05 -11.61 20.55
C5' DM5 B . -12.48 -10.44 18.88
O5' DM5 B . -12.36 -11.38 17.76
C6' DM5 B . -13.79 -10.77 19.65
C1 GOL C . -12.74 -3.58 12.16
C1 GOL C . -11.91 -2.99 12.36
O1 GOL C . -12.19 -3.52 10.85
O1 GOL C . -11.70 -4.35 12.68
C2 GOL C . -13.83 -2.53 12.35
C2 GOL C . -13.39 -2.61 12.32
O2 GOL C . -13.19 -1.30 11.99
O2 GOL C . -13.57 -1.24 11.96
C3 GOL C . -14.57 -2.42 13.70
C3 GOL C . -14.09 -2.81 13.66
O3 GOL C . -13.72 -2.12 14.84
O3 GOL C . -13.66 -1.70 14.50
C1 GOL D . 33.79 19.80 -31.49
O1 GOL D . 33.57 18.83 -32.48
C2 GOL D . 34.98 19.37 -30.59
O2 GOL D . 36.22 19.28 -31.33
C3 GOL D . 34.80 17.98 -30.00
O3 GOL D . 35.77 17.74 -29.01
C1 GOL E . -19.35 -1.67 -11.62
O1 GOL E . -19.90 -2.57 -10.74
C2 GOL E . -20.15 -1.87 -12.90
O2 GOL E . -20.60 -0.69 -13.50
C3 GOL E . -19.21 -2.47 -13.90
O3 GOL E . -18.47 -3.51 -13.35
#